data_2XVM
#
_entry.id   2XVM
#
_cell.length_a   130.362
_cell.length_b   55.644
_cell.length_c   59.420
_cell.angle_alpha   90.00
_cell.angle_beta   97.72
_cell.angle_gamma   90.00
#
_symmetry.space_group_name_H-M   'C 1 2 1'
#
loop_
_entity.id
_entity.type
_entity.pdbx_description
1 polymer 'TELLURITE RESISTANCE PROTEIN TEHB'
2 non-polymer S-ADENOSYL-L-HOMOCYSTEINE
3 water water
#
_entity_poly.entity_id   1
_entity_poly.type   'polypeptide(L)'
_entity_poly.pdbx_seq_one_letter_code
;GAMVIRDENYFTDKYELTRTHSEVLEAVKVVKPGKTLDLGCGNGRNSLYLAANGYDVDAWDKNAMSIANVERIKSIENLD
NLHTRVVDLNNLTFDRQYDFILSTVVLMFLEAKTIPGLIANMQRCTKPGGYNLIVAAMDTADYPCTVGFPFAFKEGELRR
YYEGWERVKYNEDVGELHRTDANGNRIKLRFATMLARKK
;
_entity_poly.pdbx_strand_id   A,B
#
# COMPACT_ATOMS: atom_id res chain seq x y z
N ALA A 2 -21.37 -3.51 0.07
CA ALA A 2 -21.14 -4.49 1.20
C ALA A 2 -19.64 -4.80 1.46
N MET A 3 -18.77 -4.48 0.51
CA MET A 3 -17.32 -4.78 0.59
C MET A 3 -16.62 -3.73 1.46
N VAL A 4 -16.25 -4.13 2.67
CA VAL A 4 -15.86 -3.21 3.70
C VAL A 4 -14.35 -3.05 3.90
N ILE A 5 -13.55 -3.86 3.19
CA ILE A 5 -12.07 -3.71 3.27
C ILE A 5 -11.51 -2.39 2.74
N ARG A 6 -10.70 -1.73 3.58
CA ARG A 6 -10.00 -0.53 3.16
C ARG A 6 -8.49 -0.68 3.31
N ASP A 7 -7.87 -1.19 2.24
CA ASP A 7 -6.50 -1.56 2.34
C ASP A 7 -5.65 -0.43 1.72
N GLU A 8 -4.37 -0.71 1.50
CA GLU A 8 -3.43 0.29 0.99
C GLU A 8 -3.65 0.59 -0.49
N ASN A 9 -4.51 -0.18 -1.16
CA ASN A 9 -4.94 0.10 -2.51
C ASN A 9 -6.21 0.96 -2.63
N TYR A 10 -6.98 1.08 -1.55
CA TYR A 10 -8.33 1.59 -1.69
C TYR A 10 -8.35 3.03 -2.18
N PHE A 11 -7.80 3.93 -1.36
CA PHE A 11 -7.69 5.34 -1.76
C PHE A 11 -6.69 5.58 -2.85
N THR A 12 -5.65 4.77 -2.87
CA THR A 12 -4.52 4.87 -3.80
C THR A 12 -5.10 4.74 -5.19
N ASP A 13 -5.88 3.70 -5.42
CA ASP A 13 -6.40 3.41 -6.75
C ASP A 13 -7.62 4.21 -7.15
N LYS A 14 -8.50 4.52 -6.19
CA LYS A 14 -9.72 5.27 -6.47
C LYS A 14 -9.40 6.75 -6.75
N TYR A 15 -8.44 7.33 -6.01
CA TYR A 15 -8.24 8.78 -6.07
C TYR A 15 -6.86 9.17 -6.52
N GLU A 16 -6.10 8.21 -7.02
CA GLU A 16 -4.76 8.49 -7.58
C GLU A 16 -3.81 9.12 -6.52
N LEU A 17 -3.96 8.70 -5.28
CA LEU A 17 -3.03 9.12 -4.24
C LEU A 17 -1.81 8.25 -4.23
N THR A 18 -0.70 8.74 -3.66
CA THR A 18 0.47 7.91 -3.46
C THR A 18 0.02 6.90 -2.44
N ARG A 19 0.54 5.67 -2.63
CA ARG A 19 0.15 4.59 -1.70
C ARG A 19 0.46 4.96 -0.25
N THR A 20 -0.37 4.48 0.68
CA THR A 20 -0.20 4.72 2.13
C THR A 20 1.26 4.58 2.57
N HIS A 21 1.74 5.50 3.39
CA HIS A 21 3.18 5.46 3.77
C HIS A 21 3.48 4.09 4.38
N SER A 22 4.57 3.45 4.01
CA SER A 22 4.94 2.12 4.55
CA SER A 22 4.86 2.11 4.58
C SER A 22 5.00 2.11 6.09
N GLU A 23 5.47 3.21 6.68
CA GLU A 23 5.62 3.26 8.14
C GLU A 23 4.28 3.38 8.80
N VAL A 24 3.32 3.99 8.09
CA VAL A 24 1.94 3.99 8.66
C VAL A 24 1.39 2.56 8.60
N LEU A 25 1.59 1.87 7.47
CA LEU A 25 1.07 0.48 7.36
C LEU A 25 1.70 -0.42 8.43
N GLU A 26 2.99 -0.19 8.77
CA GLU A 26 3.65 -0.99 9.82
CA GLU A 26 3.61 -1.02 9.81
C GLU A 26 3.09 -0.61 11.19
N ALA A 27 2.98 0.69 11.43
CA ALA A 27 2.51 1.20 12.72
C ALA A 27 1.18 0.62 13.13
N VAL A 28 0.22 0.57 12.20
CA VAL A 28 -1.09 0.07 12.57
C VAL A 28 -1.15 -1.42 13.01
N LYS A 29 -0.08 -2.15 12.80
CA LYS A 29 0.05 -3.52 13.29
C LYS A 29 0.16 -3.51 14.81
N VAL A 30 0.72 -2.46 15.40
CA VAL A 30 0.75 -2.34 16.87
C VAL A 30 -0.11 -1.23 17.51
N VAL A 31 -0.32 -0.13 16.79
CA VAL A 31 -1.11 0.98 17.35
C VAL A 31 -2.61 0.68 17.09
N LYS A 32 -3.40 0.47 18.13
CA LYS A 32 -4.85 0.17 18.03
C LYS A 32 -5.59 1.41 17.52
N PRO A 33 -6.77 1.24 16.85
CA PRO A 33 -7.59 2.40 16.48
C PRO A 33 -7.81 3.33 17.68
N GLY A 34 -7.70 4.65 17.48
CA GLY A 34 -8.02 5.60 18.58
C GLY A 34 -7.88 6.99 18.00
N LYS A 35 -7.83 8.00 18.87
CA LYS A 35 -7.83 9.39 18.46
C LYS A 35 -6.45 9.71 17.82
N THR A 36 -6.49 10.26 16.61
CA THR A 36 -5.31 10.44 15.82
C THR A 36 -5.21 11.85 15.29
N LEU A 37 -3.97 12.30 15.23
CA LEU A 37 -3.52 13.61 14.73
C LEU A 37 -2.48 13.45 13.58
N ASP A 38 -2.82 13.87 12.36
CA ASP A 38 -1.85 13.83 11.24
C ASP A 38 -1.39 15.26 10.91
N LEU A 39 -0.15 15.56 11.32
CA LEU A 39 0.42 16.88 11.09
C LEU A 39 1.09 17.04 9.72
N GLY A 40 0.41 17.79 8.82
CA GLY A 40 0.87 17.98 7.46
C GLY A 40 0.30 16.82 6.67
N CYS A 41 -1.01 16.62 6.75
CA CYS A 41 -1.67 15.45 6.10
C CYS A 41 -1.58 15.38 4.58
N GLY A 42 -1.18 16.49 3.93
CA GLY A 42 -1.22 16.51 2.47
C GLY A 42 -2.59 16.20 1.86
N ASN A 43 -2.52 15.43 0.78
CA ASN A 43 -3.72 14.95 0.10
C ASN A 43 -4.42 13.75 0.79
N GLY A 44 -3.95 13.38 1.99
CA GLY A 44 -4.75 12.53 2.84
C GLY A 44 -4.45 11.02 2.79
N ARG A 45 -3.41 10.58 2.11
CA ARG A 45 -3.24 9.12 1.89
C ARG A 45 -3.25 8.42 3.27
N ASN A 46 -2.57 9.00 4.27
CA ASN A 46 -2.55 8.37 5.59
C ASN A 46 -3.77 8.65 6.44
N SER A 47 -4.27 9.88 6.40
CA SER A 47 -5.46 10.21 7.16
C SER A 47 -6.69 9.44 6.67
N LEU A 48 -6.86 9.32 5.37
CA LEU A 48 -8.06 8.59 4.86
C LEU A 48 -7.95 7.09 5.20
N TYR A 49 -6.74 6.52 5.06
CA TYR A 49 -6.51 5.12 5.39
C TYR A 49 -6.85 4.88 6.86
N LEU A 50 -6.35 5.74 7.71
CA LEU A 50 -6.64 5.57 9.13
C LEU A 50 -8.12 5.77 9.46
N ALA A 51 -8.71 6.85 8.93
CA ALA A 51 -10.18 7.07 9.20
C ALA A 51 -11.06 5.88 8.73
N ALA A 52 -10.69 5.31 7.60
CA ALA A 52 -11.40 4.17 6.97
C ALA A 52 -11.23 2.89 7.78
N ASN A 53 -10.22 2.86 8.67
CA ASN A 53 -9.92 1.71 9.51
C ASN A 53 -10.11 1.97 11.00
N GLY A 54 -11.07 2.87 11.31
CA GLY A 54 -11.54 3.05 12.67
C GLY A 54 -10.74 3.92 13.59
N TYR A 55 -9.79 4.70 13.05
CA TYR A 55 -9.18 5.76 13.83
C TYR A 55 -9.99 7.08 13.63
N ASP A 56 -10.07 7.91 14.67
CA ASP A 56 -10.71 9.24 14.57
C ASP A 56 -9.58 10.23 14.28
N VAL A 57 -9.60 10.84 13.11
CA VAL A 57 -8.43 11.55 12.64
C VAL A 57 -8.65 13.08 12.48
N ASP A 58 -7.77 13.88 13.11
CA ASP A 58 -7.57 15.29 12.77
C ASP A 58 -6.53 15.37 11.71
N ALA A 59 -6.90 15.84 10.51
CA ALA A 59 -5.94 15.95 9.40
C ALA A 59 -5.68 17.43 9.06
N TRP A 60 -4.45 17.91 9.31
CA TRP A 60 -4.10 19.33 9.20
C TRP A 60 -3.02 19.62 8.19
N ASP A 61 -3.16 20.68 7.39
CA ASP A 61 -2.10 21.00 6.47
C ASP A 61 -2.23 22.48 6.13
N LYS A 62 -1.16 23.06 5.62
CA LYS A 62 -1.26 24.45 5.12
C LYS A 62 -1.73 24.63 3.67
N ASN A 63 -1.74 23.55 2.88
CA ASN A 63 -2.13 23.63 1.47
C ASN A 63 -3.65 23.53 1.32
N ALA A 64 -4.30 24.66 1.03
CA ALA A 64 -5.78 24.66 0.97
C ALA A 64 -6.31 23.71 -0.12
N MET A 65 -5.61 23.65 -1.26
CA MET A 65 -6.04 22.75 -2.33
CA MET A 65 -6.03 22.75 -2.34
C MET A 65 -6.00 21.27 -1.85
N SER A 66 -4.97 20.90 -1.09
CA SER A 66 -4.85 19.54 -0.57
C SER A 66 -5.99 19.26 0.41
N ILE A 67 -6.29 20.19 1.30
CA ILE A 67 -7.35 19.99 2.28
C ILE A 67 -8.68 19.92 1.57
N ALA A 68 -8.90 20.72 0.50
CA ALA A 68 -10.16 20.63 -0.27
C ALA A 68 -10.29 19.22 -0.86
N ASN A 69 -9.16 18.67 -1.30
CA ASN A 69 -9.15 17.32 -1.86
C ASN A 69 -9.53 16.27 -0.81
N VAL A 70 -8.95 16.36 0.37
CA VAL A 70 -9.34 15.48 1.50
C VAL A 70 -10.83 15.61 1.84
N GLU A 71 -11.34 16.85 1.83
CA GLU A 71 -12.75 17.11 2.11
C GLU A 71 -13.66 16.47 1.09
N ARG A 72 -13.27 16.58 -0.18
CA ARG A 72 -14.02 16.04 -1.30
C ARG A 72 -14.11 14.49 -1.16
N ILE A 73 -12.98 13.84 -0.90
CA ILE A 73 -12.92 12.38 -0.76
C ILE A 73 -13.69 11.94 0.48
N LYS A 74 -13.51 12.69 1.57
CA LYS A 74 -14.26 12.50 2.81
C LYS A 74 -15.78 12.44 2.57
N SER A 75 -16.28 13.37 1.75
CA SER A 75 -17.70 13.43 1.45
CA SER A 75 -17.71 13.42 1.46
C SER A 75 -18.14 12.19 0.67
N ILE A 76 -17.45 11.93 -0.45
CA ILE A 76 -17.75 10.76 -1.24
C ILE A 76 -17.79 9.53 -0.34
N GLU A 77 -16.77 9.35 0.49
CA GLU A 77 -16.67 8.10 1.27
C GLU A 77 -17.45 8.05 2.58
N ASN A 78 -18.10 9.14 2.95
CA ASN A 78 -18.79 9.24 4.28
C ASN A 78 -17.89 8.96 5.48
N LEU A 79 -16.70 9.56 5.45
CA LEU A 79 -15.82 9.44 6.60
C LEU A 79 -16.08 10.50 7.64
N ASP A 80 -17.10 10.25 8.43
CA ASP A 80 -17.57 11.18 9.46
C ASP A 80 -16.59 11.32 10.63
N ASN A 81 -15.61 10.40 10.72
CA ASN A 81 -14.53 10.48 11.73
C ASN A 81 -13.22 11.07 11.23
N LEU A 82 -13.29 11.86 10.17
CA LEU A 82 -12.13 12.55 9.63
C LEU A 82 -12.50 14.04 9.62
N HIS A 83 -11.56 14.86 10.12
CA HIS A 83 -11.80 16.29 10.39
C HIS A 83 -10.62 17.07 9.87
N THR A 84 -10.83 17.95 8.92
CA THR A 84 -9.69 18.66 8.31
C THR A 84 -9.58 20.10 8.81
N ARG A 85 -8.37 20.66 8.76
CA ARG A 85 -8.18 22.10 8.99
C ARG A 85 -7.05 22.56 8.11
N VAL A 86 -7.14 23.79 7.61
CA VAL A 86 -6.00 24.45 6.98
C VAL A 86 -5.30 25.24 8.10
N VAL A 87 -4.04 24.89 8.37
CA VAL A 87 -3.29 25.52 9.44
C VAL A 87 -1.84 25.80 9.02
N ASP A 88 -1.14 26.57 9.85
CA ASP A 88 0.28 26.78 9.63
C ASP A 88 1.00 26.18 10.88
N LEU A 89 1.78 25.11 10.64
CA LEU A 89 2.44 24.47 11.77
C LEU A 89 3.51 25.38 12.41
N ASN A 90 3.89 26.45 11.69
CA ASN A 90 4.85 27.38 12.32
C ASN A 90 4.25 28.31 13.33
N ASN A 91 2.92 28.36 13.39
CA ASN A 91 2.21 29.27 14.29
C ASN A 91 0.98 28.58 14.72
N LEU A 92 1.14 27.48 15.47
CA LEU A 92 0.01 26.66 15.91
C LEU A 92 0.40 26.03 17.19
N THR A 93 -0.54 26.02 18.10
CA THR A 93 -0.43 25.28 19.33
CA THR A 93 -0.45 25.33 19.37
C THR A 93 -1.72 24.47 19.39
N PHE A 94 -1.67 23.29 20.02
CA PHE A 94 -2.92 22.48 20.07
C PHE A 94 -3.03 21.86 21.43
N ASP A 95 -4.22 21.40 21.87
CA ASP A 95 -4.35 20.93 23.25
CA ASP A 95 -4.38 20.94 23.27
C ASP A 95 -5.04 19.60 23.50
N ARG A 96 -5.66 19.00 22.48
CA ARG A 96 -6.34 17.71 22.74
C ARG A 96 -5.36 16.57 23.05
N GLN A 97 -5.89 15.51 23.68
CA GLN A 97 -5.11 14.27 23.97
C GLN A 97 -5.36 13.23 22.88
N TYR A 98 -4.27 12.65 22.41
CA TYR A 98 -4.29 11.74 21.24
C TYR A 98 -3.68 10.41 21.58
N ASP A 99 -4.22 9.39 20.95
CA ASP A 99 -3.62 8.03 21.03
C ASP A 99 -2.44 7.84 20.08
N PHE A 100 -2.41 8.65 19.02
CA PHE A 100 -1.46 8.49 17.92
C PHE A 100 -1.31 9.82 17.21
N ILE A 101 -0.07 10.32 17.10
CA ILE A 101 0.25 11.52 16.33
C ILE A 101 1.30 11.09 15.32
N LEU A 102 1.09 11.48 14.07
CA LEU A 102 2.06 11.17 13.06
C LEU A 102 2.40 12.42 12.27
N SER A 103 3.69 12.54 11.90
CA SER A 103 4.12 13.55 10.99
C SER A 103 5.12 12.90 10.05
N THR A 104 4.66 12.60 8.84
CA THR A 104 5.50 11.93 7.83
C THR A 104 5.91 12.89 6.68
N VAL A 105 7.23 13.05 6.52
CA VAL A 105 7.93 13.87 5.55
C VAL A 105 7.38 15.31 5.48
N VAL A 106 7.27 15.93 6.64
CA VAL A 106 6.71 17.27 6.80
C VAL A 106 7.68 18.17 7.55
N LEU A 107 8.32 17.68 8.63
CA LEU A 107 8.98 18.65 9.54
C LEU A 107 10.11 19.43 8.87
N MET A 108 10.73 18.88 7.82
CA MET A 108 11.87 19.56 7.18
C MET A 108 11.42 20.83 6.46
N PHE A 109 10.13 20.98 6.20
CA PHE A 109 9.60 22.20 5.54
C PHE A 109 9.33 23.32 6.53
N LEU A 110 9.41 23.04 7.82
CA LEU A 110 9.07 24.03 8.85
C LEU A 110 10.31 24.82 9.28
N GLU A 111 10.07 25.99 9.91
CA GLU A 111 11.19 26.83 10.35
C GLU A 111 11.90 26.08 11.47
N ALA A 112 13.24 26.20 11.52
CA ALA A 112 14.05 25.56 12.58
C ALA A 112 13.55 25.94 13.96
N LYS A 113 13.12 27.21 14.11
CA LYS A 113 12.63 27.66 15.43
CA LYS A 113 12.63 27.66 15.43
C LYS A 113 11.33 26.99 15.90
N THR A 114 10.57 26.40 14.97
CA THR A 114 9.34 25.78 15.34
C THR A 114 9.54 24.45 16.01
N ILE A 115 10.58 23.73 15.64
CA ILE A 115 10.61 22.30 15.92
C ILE A 115 10.61 21.94 17.45
N PRO A 116 11.38 22.66 18.29
CA PRO A 116 11.48 22.13 19.66
C PRO A 116 10.12 22.23 20.34
N GLY A 117 9.46 23.39 20.13
CA GLY A 117 8.12 23.59 20.71
C GLY A 117 7.06 22.68 20.10
N LEU A 118 7.18 22.38 18.81
CA LEU A 118 6.17 21.54 18.15
C LEU A 118 6.30 20.10 18.69
N ILE A 119 7.54 19.58 18.73
CA ILE A 119 7.79 18.26 19.30
C ILE A 119 7.31 18.17 20.77
N ALA A 120 7.61 19.22 21.56
CA ALA A 120 7.15 19.27 22.93
C ALA A 120 5.60 19.21 22.97
N ASN A 121 4.95 19.91 22.04
CA ASN A 121 3.50 19.92 22.03
C ASN A 121 3.01 18.51 21.67
N MET A 122 3.60 17.87 20.67
CA MET A 122 3.14 16.53 20.31
C MET A 122 3.29 15.60 21.51
N GLN A 123 4.45 15.66 22.17
CA GLN A 123 4.68 14.76 23.29
C GLN A 123 3.67 15.00 24.44
N ARG A 124 3.39 16.27 24.74
CA ARG A 124 2.44 16.65 25.80
CA ARG A 124 2.44 16.65 25.80
CA ARG A 124 2.45 16.63 25.81
C ARG A 124 1.04 16.14 25.47
N CYS A 125 0.70 16.19 24.18
CA CYS A 125 -0.68 15.83 23.70
C CYS A 125 -0.90 14.35 23.36
N THR A 126 0.04 13.53 23.81
CA THR A 126 0.01 12.10 23.55
C THR A 126 -0.37 11.44 24.89
N LYS A 127 -1.40 10.57 24.87
CA LYS A 127 -1.80 9.81 26.07
C LYS A 127 -0.66 8.89 26.54
N PRO A 128 -0.53 8.64 27.88
CA PRO A 128 0.40 7.55 28.19
C PRO A 128 -0.06 6.25 27.51
N GLY A 129 0.90 5.52 26.97
CA GLY A 129 0.60 4.33 26.18
C GLY A 129 0.40 4.64 24.71
N GLY A 130 0.35 5.95 24.34
CA GLY A 130 0.06 6.39 22.96
C GLY A 130 1.35 6.49 22.18
N TYR A 131 1.23 6.73 20.88
CA TYR A 131 2.41 6.65 20.03
C TYR A 131 2.64 7.89 19.18
N ASN A 132 3.91 8.15 18.84
CA ASN A 132 4.23 9.18 17.84
C ASN A 132 5.04 8.52 16.72
N LEU A 133 4.62 8.79 15.47
CA LEU A 133 5.34 8.30 14.30
C LEU A 133 5.90 9.55 13.60
N ILE A 134 7.22 9.69 13.45
CA ILE A 134 7.93 10.77 12.70
C ILE A 134 8.85 10.19 11.65
N VAL A 135 8.76 10.71 10.43
CA VAL A 135 9.76 10.49 9.44
C VAL A 135 10.12 11.89 8.94
N ALA A 136 11.39 12.20 9.00
CA ALA A 136 11.94 13.52 8.56
C ALA A 136 13.35 13.54 8.11
N ALA A 137 13.64 14.45 7.17
CA ALA A 137 14.98 14.62 6.63
C ALA A 137 15.98 15.02 7.72
N MET A 138 17.18 14.50 7.51
CA MET A 138 18.42 14.83 8.26
C MET A 138 19.48 15.59 7.49
N ASP A 139 20.39 16.22 8.23
CA ASP A 139 21.61 16.78 7.66
C ASP A 139 22.78 16.18 8.43
N THR A 140 23.66 15.50 7.69
CA THR A 140 24.80 14.83 8.34
C THR A 140 26.02 15.07 7.52
N ALA A 141 27.20 14.79 8.11
CA ALA A 141 28.46 14.84 7.38
C ALA A 141 28.46 13.89 6.19
N ASP A 142 27.90 12.67 6.33
CA ASP A 142 27.94 11.78 5.17
C ASP A 142 26.90 12.18 4.05
N TYR A 143 25.80 12.79 4.48
CA TYR A 143 24.64 13.15 3.61
C TYR A 143 24.18 14.56 3.94
N PRO A 144 24.90 15.56 3.43
CA PRO A 144 24.47 16.92 3.78
C PRO A 144 23.11 17.19 3.18
N CYS A 145 22.29 17.96 3.88
CA CYS A 145 21.06 18.41 3.30
C CYS A 145 21.35 19.73 2.57
N THR A 146 21.48 19.68 1.24
CA THR A 146 21.65 20.95 0.49
C THR A 146 20.43 21.25 -0.38
N VAL A 147 19.37 20.52 -0.10
CA VAL A 147 18.10 20.66 -0.76
C VAL A 147 17.33 21.98 -0.48
N GLY A 148 17.75 22.78 0.49
CA GLY A 148 16.91 23.96 0.85
C GLY A 148 15.73 23.78 1.83
N PHE A 149 15.64 22.63 2.48
CA PHE A 149 14.74 22.47 3.63
C PHE A 149 15.20 23.46 4.71
N PRO A 150 14.26 24.26 5.27
CA PRO A 150 14.63 25.18 6.39
C PRO A 150 14.97 24.42 7.68
N PHE A 151 14.61 23.15 7.78
CA PHE A 151 14.95 22.36 8.96
C PHE A 151 15.40 20.98 8.56
N ALA A 152 16.37 20.42 9.31
CA ALA A 152 16.66 18.98 9.16
C ALA A 152 17.28 18.51 10.46
N PHE A 153 16.94 17.27 10.83
CA PHE A 153 17.49 16.74 12.08
C PHE A 153 18.99 16.49 11.97
N LYS A 154 19.68 16.74 13.06
CA LYS A 154 21.07 16.27 13.20
C LYS A 154 21.04 14.77 13.58
N GLU A 155 22.14 14.08 13.34
CA GLU A 155 22.38 12.71 13.80
C GLU A 155 22.15 12.61 15.30
N GLY A 156 21.19 11.76 15.67
CA GLY A 156 20.91 11.52 17.08
C GLY A 156 19.88 12.49 17.67
N GLU A 157 19.48 13.51 16.90
CA GLU A 157 18.68 14.56 17.51
C GLU A 157 17.26 14.10 17.80
N LEU A 158 16.70 13.36 16.84
CA LEU A 158 15.30 12.91 17.13
C LEU A 158 15.30 11.91 18.28
N ARG A 159 16.24 10.99 18.30
CA ARG A 159 16.44 10.06 19.46
C ARG A 159 16.44 10.79 20.78
N ARG A 160 17.17 11.89 20.85
CA ARG A 160 17.30 12.64 22.06
C ARG A 160 15.97 13.26 22.42
N TYR A 161 15.25 13.81 21.44
CA TYR A 161 13.92 14.37 21.74
C TYR A 161 13.04 13.32 22.47
N TYR A 162 13.22 12.06 22.05
CA TYR A 162 12.36 10.95 22.46
C TYR A 162 13.04 10.01 23.44
N GLU A 163 14.00 10.56 24.19
CA GLU A 163 14.87 9.79 25.05
C GLU A 163 14.07 8.93 26.02
N GLY A 164 12.99 9.46 26.60
CA GLY A 164 12.29 8.63 27.61
C GLY A 164 11.16 7.74 27.08
N TRP A 165 11.03 7.64 25.77
CA TRP A 165 9.99 6.84 25.17
C TRP A 165 10.50 5.44 24.78
N GLU A 166 9.58 4.48 24.65
CA GLU A 166 9.94 3.19 24.09
C GLU A 166 10.06 3.37 22.57
N ARG A 167 11.28 3.23 22.02
CA ARG A 167 11.46 3.33 20.57
C ARG A 167 11.23 1.98 19.93
N VAL A 168 9.98 1.74 19.61
CA VAL A 168 9.58 0.52 18.90
C VAL A 168 10.37 0.38 17.60
N LYS A 169 10.52 1.50 16.87
CA LYS A 169 11.45 1.61 15.72
C LYS A 169 12.19 2.94 15.83
N TYR A 170 13.51 2.93 15.63
CA TYR A 170 14.26 4.18 15.44
C TYR A 170 15.41 3.92 14.52
N ASN A 171 15.48 4.63 13.39
CA ASN A 171 16.66 4.53 12.58
C ASN A 171 16.90 5.82 11.80
N GLU A 172 18.10 5.92 11.21
CA GLU A 172 18.55 7.10 10.47
C GLU A 172 19.01 6.70 9.08
N ASP A 173 18.30 5.72 8.50
CA ASP A 173 18.68 5.08 7.25
C ASP A 173 18.60 6.09 6.14
N VAL A 174 19.48 5.81 5.18
CA VAL A 174 19.51 6.54 3.88
C VAL A 174 18.25 6.21 3.07
N GLY A 175 17.57 7.28 2.60
CA GLY A 175 16.38 7.16 1.76
C GLY A 175 16.58 8.07 0.56
N GLU A 176 15.52 8.15 -0.25
CA GLU A 176 15.53 8.96 -1.46
C GLU A 176 14.40 9.94 -1.49
N LEU A 177 14.69 11.15 -1.94
CA LEU A 177 13.64 12.06 -2.43
C LEU A 177 13.11 11.69 -3.78
N HIS A 178 11.94 12.23 -4.09
CA HIS A 178 11.34 12.02 -5.40
CA HIS A 178 11.29 12.08 -5.40
C HIS A 178 12.10 12.87 -6.43
N ARG A 179 12.54 14.05 -6.02
CA ARG A 179 13.19 14.99 -6.93
C ARG A 179 14.57 14.47 -7.26
N THR A 180 15.09 14.90 -8.40
CA THR A 180 16.32 14.34 -8.90
C THR A 180 17.39 15.42 -9.04
N ASP A 181 18.63 14.98 -9.11
CA ASP A 181 19.75 15.92 -9.12
C ASP A 181 20.08 16.33 -10.56
N ALA A 182 21.17 17.07 -10.75
CA ALA A 182 21.61 17.48 -12.09
C ALA A 182 21.69 16.31 -13.10
N ASN A 183 21.96 15.08 -12.62
CA ASN A 183 22.04 13.88 -13.48
CA ASN A 183 22.03 13.87 -13.49
C ASN A 183 20.75 13.03 -13.55
N GLY A 184 19.67 13.54 -12.97
CA GLY A 184 18.40 12.77 -12.96
C GLY A 184 18.33 11.57 -12.01
N ASN A 185 19.25 11.52 -11.05
CA ASN A 185 19.26 10.48 -9.98
C ASN A 185 18.54 11.00 -8.77
N ARG A 186 17.68 10.17 -8.18
CA ARG A 186 16.96 10.61 -6.98
C ARG A 186 17.97 11.11 -5.94
N ILE A 187 17.73 12.29 -5.36
CA ILE A 187 18.57 12.80 -4.28
C ILE A 187 18.57 11.86 -3.03
N LYS A 188 19.74 11.56 -2.48
CA LYS A 188 19.87 10.69 -1.30
C LYS A 188 20.07 11.53 -0.04
N LEU A 189 19.37 11.17 1.03
CA LEU A 189 19.48 11.87 2.30
C LEU A 189 19.17 10.82 3.36
N ARG A 190 19.77 10.99 4.52
CA ARG A 190 19.28 10.22 5.68
C ARG A 190 17.98 10.85 6.14
N PHE A 191 17.07 9.97 6.60
CA PHE A 191 15.77 10.29 7.25
C PHE A 191 15.72 9.66 8.62
N ALA A 192 15.46 10.46 9.61
CA ALA A 192 15.03 9.93 10.93
C ALA A 192 13.64 9.33 10.93
N THR A 193 13.54 8.00 11.08
CA THR A 193 12.25 7.30 11.25
C THR A 193 12.12 6.74 12.62
N MET A 194 11.03 7.15 13.18
CA MET A 194 10.77 6.69 14.55
C MET A 194 9.33 6.34 14.84
N LEU A 195 9.13 5.16 15.38
CA LEU A 195 7.86 4.88 15.98
C LEU A 195 8.07 4.73 17.49
N ALA A 196 7.46 5.62 18.28
CA ALA A 196 7.73 5.65 19.75
C ALA A 196 6.45 5.59 20.59
N ARG A 197 6.55 4.93 21.75
CA ARG A 197 5.40 4.74 22.60
C ARG A 197 5.70 5.46 23.91
N LYS A 198 4.77 6.31 24.33
CA LYS A 198 4.98 7.07 25.55
C LYS A 198 4.77 6.16 26.78
N LYS A 199 5.65 6.28 27.77
CA LYS A 199 5.48 5.47 29.01
C LYS A 199 4.40 6.02 29.97
N ARG B 6 16.80 -4.69 -11.26
CA ARG B 6 15.30 -4.53 -11.10
C ARG B 6 14.57 -5.76 -10.49
N ASP B 7 14.79 -5.98 -9.17
CA ASP B 7 14.22 -7.12 -8.41
C ASP B 7 12.92 -6.71 -7.65
N GLU B 8 12.59 -7.45 -6.60
CA GLU B 8 11.34 -7.23 -5.86
C GLU B 8 11.37 -5.93 -5.03
N ASN B 9 12.56 -5.30 -4.95
CA ASN B 9 12.62 -4.02 -4.25
C ASN B 9 12.59 -2.81 -5.20
N TYR B 10 12.85 -3.06 -6.48
CA TYR B 10 13.19 -1.96 -7.38
C TYR B 10 11.97 -1.06 -7.62
N PHE B 11 10.84 -1.65 -8.08
CA PHE B 11 9.64 -0.85 -8.32
C PHE B 11 8.97 -0.47 -7.00
N THR B 12 9.10 -1.39 -6.04
CA THR B 12 8.60 -1.20 -4.67
C THR B 12 9.08 0.14 -4.14
N ASP B 13 10.40 0.29 -4.18
CA ASP B 13 11.08 1.48 -3.61
C ASP B 13 10.93 2.74 -4.51
N LYS B 14 11.07 2.58 -5.83
CA LYS B 14 11.09 3.72 -6.75
C LYS B 14 9.70 4.32 -7.02
N TYR B 15 8.68 3.44 -7.04
CA TYR B 15 7.35 3.85 -7.38
C TYR B 15 6.35 3.73 -6.25
N GLU B 16 6.87 3.47 -5.03
CA GLU B 16 6.02 3.39 -3.80
C GLU B 16 4.88 2.42 -4.00
N LEU B 17 5.25 1.25 -4.45
CA LEU B 17 4.27 0.17 -4.57
C LEU B 17 4.39 -0.87 -3.44
N THR B 18 3.37 -1.70 -3.31
CA THR B 18 3.48 -2.85 -2.41
C THR B 18 4.47 -3.81 -3.03
N ARG B 19 5.27 -4.44 -2.18
CA ARG B 19 6.25 -5.41 -2.65
C ARG B 19 5.58 -6.52 -3.50
N THR B 20 6.28 -6.99 -4.51
CA THR B 20 5.84 -8.06 -5.38
C THR B 20 5.17 -9.20 -4.58
N HIS B 21 4.02 -9.73 -5.04
CA HIS B 21 3.37 -10.80 -4.30
C HIS B 21 4.32 -11.98 -4.10
N SER B 22 4.38 -12.51 -2.88
CA SER B 22 5.34 -13.59 -2.57
C SER B 22 5.13 -14.81 -3.45
N GLU B 23 3.90 -15.08 -3.88
CA GLU B 23 3.65 -16.27 -4.70
C GLU B 23 4.14 -16.08 -6.11
N VAL B 24 4.17 -14.84 -6.58
CA VAL B 24 4.84 -14.54 -7.83
C VAL B 24 6.35 -14.76 -7.74
N LEU B 25 6.95 -14.27 -6.68
CA LEU B 25 8.40 -14.47 -6.51
C LEU B 25 8.74 -15.97 -6.43
N GLU B 26 7.88 -16.76 -5.78
CA GLU B 26 8.07 -18.20 -5.70
C GLU B 26 7.88 -18.85 -7.05
N ALA B 27 6.81 -18.43 -7.78
CA ALA B 27 6.45 -19.07 -9.08
C ALA B 27 7.62 -18.92 -10.07
N VAL B 28 8.26 -17.76 -10.11
CA VAL B 28 9.29 -17.54 -11.13
C VAL B 28 10.52 -18.43 -10.96
N LYS B 29 10.64 -19.08 -9.80
CA LYS B 29 11.67 -20.11 -9.60
C LYS B 29 11.46 -21.31 -10.52
N VAL B 30 10.21 -21.61 -10.86
CA VAL B 30 9.97 -22.71 -11.84
C VAL B 30 9.38 -22.30 -13.19
N VAL B 31 8.52 -21.29 -13.18
CA VAL B 31 7.96 -20.78 -14.46
C VAL B 31 9.02 -19.95 -15.20
N LYS B 32 9.48 -20.44 -16.34
CA LYS B 32 10.52 -19.77 -17.10
CA LYS B 32 10.52 -19.73 -17.03
C LYS B 32 9.95 -18.50 -17.75
N PRO B 33 10.79 -17.48 -18.04
CA PRO B 33 10.21 -16.34 -18.78
C PRO B 33 9.42 -16.77 -20.01
N GLY B 34 8.26 -16.13 -20.23
CA GLY B 34 7.43 -16.47 -21.38
C GLY B 34 6.27 -15.51 -21.45
N LYS B 35 5.28 -15.85 -22.26
CA LYS B 35 4.14 -15.00 -22.50
C LYS B 35 3.10 -15.09 -21.37
N THR B 36 2.77 -13.95 -20.79
CA THR B 36 2.11 -13.92 -19.47
C THR B 36 0.91 -13.03 -19.53
N LEU B 37 -0.09 -13.37 -18.74
CA LEU B 37 -1.30 -12.58 -18.65
C LEU B 37 -1.53 -12.37 -17.18
N ASP B 38 -1.62 -11.09 -16.78
CA ASP B 38 -1.87 -10.71 -15.38
C ASP B 38 -3.26 -10.14 -15.32
N LEU B 39 -4.19 -10.98 -14.83
CA LEU B 39 -5.64 -10.66 -14.79
C LEU B 39 -6.00 -9.85 -13.54
N GLY B 40 -6.14 -8.53 -13.73
CA GLY B 40 -6.39 -7.63 -12.64
C GLY B 40 -5.06 -7.15 -12.04
N CYS B 41 -4.27 -6.52 -12.88
CA CYS B 41 -2.88 -6.16 -12.54
C CYS B 41 -2.72 -5.03 -11.49
N GLY B 42 -3.81 -4.28 -11.22
CA GLY B 42 -3.78 -3.12 -10.34
C GLY B 42 -2.70 -2.14 -10.83
N ASN B 43 -1.94 -1.55 -9.88
CA ASN B 43 -0.83 -0.65 -10.24
C ASN B 43 0.47 -1.32 -10.65
N GLY B 44 0.40 -2.62 -10.93
CA GLY B 44 1.46 -3.20 -11.70
C GLY B 44 2.58 -3.86 -10.93
N ARG B 45 2.50 -3.96 -9.58
CA ARG B 45 3.68 -4.53 -8.87
C ARG B 45 4.17 -5.86 -9.51
N ASN B 46 3.25 -6.77 -9.87
CA ASN B 46 3.65 -8.06 -10.38
C ASN B 46 3.95 -8.01 -11.89
N SER B 47 3.16 -7.20 -12.63
CA SER B 47 3.45 -7.00 -14.06
C SER B 47 4.76 -6.33 -14.35
N LEU B 48 5.08 -5.27 -13.61
CA LEU B 48 6.37 -4.59 -13.75
C LEU B 48 7.52 -5.52 -13.43
N TYR B 49 7.44 -6.20 -12.28
CA TYR B 49 8.47 -7.18 -11.89
C TYR B 49 8.72 -8.21 -13.03
N LEU B 50 7.62 -8.78 -13.53
CA LEU B 50 7.70 -9.81 -14.54
C LEU B 50 8.29 -9.28 -15.85
N ALA B 51 7.79 -8.14 -16.32
CA ALA B 51 8.31 -7.51 -17.58
C ALA B 51 9.81 -7.20 -17.47
N ALA B 52 10.26 -6.73 -16.31
CA ALA B 52 11.65 -6.36 -16.07
C ALA B 52 12.55 -7.57 -16.00
N ASN B 53 11.94 -8.73 -15.84
CA ASN B 53 12.66 -10.00 -15.71
C ASN B 53 12.40 -10.98 -16.86
N GLY B 54 12.05 -10.45 -18.02
CA GLY B 54 12.02 -11.25 -19.28
C GLY B 54 10.69 -11.92 -19.61
N TYR B 55 9.64 -11.55 -18.89
CA TYR B 55 8.35 -12.05 -19.25
C TYR B 55 7.64 -11.06 -20.16
N ASP B 56 6.92 -11.58 -21.13
CA ASP B 56 6.17 -10.74 -22.06
C ASP B 56 4.75 -10.58 -21.52
N VAL B 57 4.40 -9.41 -20.97
CA VAL B 57 3.22 -9.35 -20.09
C VAL B 57 2.04 -8.57 -20.62
N ASP B 58 0.89 -9.21 -20.68
CA ASP B 58 -0.40 -8.52 -20.86
C ASP B 58 -0.98 -8.20 -19.48
N ALA B 59 -1.07 -6.91 -19.19
CA ALA B 59 -1.49 -6.46 -17.88
C ALA B 59 -2.84 -5.80 -18.01
N TRP B 60 -3.88 -6.46 -17.46
CA TRP B 60 -5.28 -6.02 -17.63
C TRP B 60 -5.98 -5.67 -16.32
N ASP B 61 -6.80 -4.60 -16.32
CA ASP B 61 -7.53 -4.19 -15.11
C ASP B 61 -8.73 -3.33 -15.53
N LYS B 62 -9.77 -3.26 -14.69
CA LYS B 62 -10.90 -2.34 -14.95
CA LYS B 62 -10.91 -2.36 -14.89
C LYS B 62 -10.53 -0.88 -14.65
N ASN B 63 -9.46 -0.65 -13.87
CA ASN B 63 -9.21 0.67 -13.34
C ASN B 63 -8.35 1.44 -14.29
N ALA B 64 -9.00 2.37 -14.97
CA ALA B 64 -8.31 3.10 -16.01
C ALA B 64 -7.16 3.94 -15.47
N MET B 65 -7.32 4.45 -14.27
CA MET B 65 -6.26 5.23 -13.68
C MET B 65 -5.07 4.33 -13.33
N SER B 66 -5.33 3.13 -12.79
CA SER B 66 -4.22 2.20 -12.55
C SER B 66 -3.48 1.84 -13.83
N ILE B 67 -4.24 1.58 -14.90
CA ILE B 67 -3.62 1.25 -16.17
C ILE B 67 -2.79 2.41 -16.66
N ALA B 68 -3.35 3.62 -16.52
CA ALA B 68 -2.61 4.79 -16.93
C ALA B 68 -1.30 4.91 -16.16
N ASN B 69 -1.29 4.54 -14.86
CA ASN B 69 -0.07 4.60 -14.07
CA ASN B 69 -0.08 4.64 -14.09
C ASN B 69 0.96 3.58 -14.55
N VAL B 70 0.51 2.38 -14.87
CA VAL B 70 1.35 1.31 -15.36
C VAL B 70 1.95 1.77 -16.69
N GLU B 71 1.12 2.41 -17.51
CA GLU B 71 1.59 2.86 -18.84
C GLU B 71 2.64 3.93 -18.64
N ARG B 72 2.39 4.82 -17.68
CA ARG B 72 3.35 5.87 -17.35
C ARG B 72 4.69 5.28 -16.93
N ILE B 73 4.67 4.31 -16.01
CA ILE B 73 5.91 3.70 -15.53
C ILE B 73 6.62 2.86 -16.60
N LYS B 74 5.84 2.10 -17.36
CA LYS B 74 6.32 1.34 -18.54
C LYS B 74 7.15 2.27 -19.45
N SER B 75 6.62 3.46 -19.71
CA SER B 75 7.28 4.40 -20.63
C SER B 75 8.63 4.82 -20.01
N ILE B 76 8.59 5.21 -18.73
CA ILE B 76 9.79 5.68 -18.00
C ILE B 76 10.87 4.61 -18.02
N GLU B 77 10.44 3.37 -17.81
CA GLU B 77 11.34 2.23 -17.64
C GLU B 77 11.68 1.53 -18.96
N ASN B 78 11.22 2.07 -20.08
CA ASN B 78 11.34 1.39 -21.41
C ASN B 78 11.02 -0.12 -21.43
N LEU B 79 9.94 -0.47 -20.76
CA LEU B 79 9.50 -1.88 -20.68
C LEU B 79 8.68 -2.19 -21.89
N ASP B 80 9.36 -2.57 -22.95
CA ASP B 80 8.68 -2.65 -24.24
C ASP B 80 7.74 -3.85 -24.29
N ASN B 81 8.10 -4.86 -23.50
CA ASN B 81 7.44 -6.16 -23.38
C ASN B 81 6.24 -6.19 -22.35
N LEU B 82 5.68 -5.02 -22.08
CA LEU B 82 4.50 -4.89 -21.24
C LEU B 82 3.37 -4.20 -21.98
N HIS B 83 2.20 -4.82 -22.02
CA HIS B 83 1.06 -4.24 -22.69
C HIS B 83 -0.11 -4.12 -21.83
N THR B 84 -0.62 -2.92 -21.73
CA THR B 84 -1.73 -2.70 -20.82
C THR B 84 -3.03 -2.68 -21.57
N ARG B 85 -4.11 -2.95 -20.87
CA ARG B 85 -5.46 -2.93 -21.39
C ARG B 85 -6.44 -2.74 -20.27
N VAL B 86 -7.48 -1.90 -20.49
CA VAL B 86 -8.62 -1.77 -19.61
C VAL B 86 -9.61 -2.79 -20.08
N VAL B 87 -10.00 -3.65 -19.13
CA VAL B 87 -11.05 -4.70 -19.32
C VAL B 87 -11.90 -4.83 -18.09
N ASP B 88 -13.12 -5.36 -18.27
CA ASP B 88 -14.00 -5.79 -17.18
C ASP B 88 -14.04 -7.34 -17.19
N LEU B 89 -13.36 -7.94 -16.21
CA LEU B 89 -13.29 -9.39 -16.14
C LEU B 89 -14.65 -10.06 -15.96
N ASN B 90 -15.69 -9.30 -15.58
CA ASN B 90 -17.04 -9.87 -15.55
C ASN B 90 -17.69 -9.99 -16.92
N ASN B 91 -17.08 -9.43 -17.97
CA ASN B 91 -17.67 -9.43 -19.29
C ASN B 91 -16.55 -9.44 -20.34
N LEU B 92 -15.78 -10.53 -20.36
CA LEU B 92 -14.61 -10.60 -21.21
C LEU B 92 -14.40 -12.02 -21.72
N THR B 93 -13.90 -12.14 -22.96
CA THR B 93 -13.34 -13.37 -23.53
CA THR B 93 -13.27 -13.38 -23.45
C THR B 93 -11.98 -13.02 -24.13
N PHE B 94 -11.02 -13.94 -24.08
CA PHE B 94 -9.72 -13.71 -24.69
C PHE B 94 -9.29 -15.00 -25.33
N ASP B 95 -8.35 -14.87 -26.25
CA ASP B 95 -8.05 -16.00 -27.14
C ASP B 95 -6.57 -16.24 -27.42
N ARG B 96 -5.68 -15.44 -26.86
CA ARG B 96 -4.25 -15.72 -27.07
C ARG B 96 -3.79 -16.87 -26.20
N GLN B 97 -2.64 -17.43 -26.58
CA GLN B 97 -2.03 -18.52 -25.80
C GLN B 97 -0.89 -18.00 -24.97
N TYR B 98 -0.94 -18.39 -23.69
CA TYR B 98 0.07 -17.96 -22.68
C TYR B 98 0.84 -19.10 -22.02
N ASP B 99 2.09 -18.80 -21.68
CA ASP B 99 2.93 -19.66 -20.84
C ASP B 99 2.53 -19.55 -19.39
N PHE B 100 2.00 -18.38 -18.98
CA PHE B 100 1.81 -18.15 -17.57
C PHE B 100 0.63 -17.23 -17.47
N ILE B 101 -0.40 -17.61 -16.71
CA ILE B 101 -1.50 -16.69 -16.42
C ILE B 101 -1.62 -16.61 -14.91
N LEU B 102 -1.68 -15.38 -14.41
CA LEU B 102 -1.85 -15.22 -12.95
C LEU B 102 -3.04 -14.33 -12.62
N SER B 103 -3.60 -14.63 -11.47
CA SER B 103 -4.64 -13.81 -10.93
C SER B 103 -4.43 -13.80 -9.44
N THR B 104 -3.86 -12.73 -8.92
CA THR B 104 -3.56 -12.71 -7.47
C THR B 104 -4.40 -11.66 -6.72
N VAL B 105 -5.14 -12.13 -5.70
CA VAL B 105 -6.06 -11.32 -4.88
C VAL B 105 -7.02 -10.44 -5.71
N VAL B 106 -7.60 -11.05 -6.76
CA VAL B 106 -8.56 -10.35 -7.67
C VAL B 106 -9.90 -11.04 -7.72
N LEU B 107 -9.87 -12.38 -7.78
CA LEU B 107 -11.14 -13.11 -8.10
C LEU B 107 -12.28 -12.85 -7.11
N MET B 108 -11.99 -12.57 -5.83
CA MET B 108 -13.06 -12.32 -4.89
C MET B 108 -13.89 -11.06 -5.14
N PHE B 109 -13.35 -10.16 -5.98
CA PHE B 109 -14.06 -8.94 -6.41
C PHE B 109 -15.08 -9.16 -7.55
N LEU B 110 -14.98 -10.34 -8.18
CA LEU B 110 -15.82 -10.70 -9.36
C LEU B 110 -17.14 -11.31 -8.96
N GLU B 111 -18.17 -11.21 -9.82
CA GLU B 111 -19.40 -11.87 -9.49
CA GLU B 111 -19.43 -11.87 -9.60
C GLU B 111 -19.15 -13.36 -9.51
N ALA B 112 -19.81 -14.02 -8.57
CA ALA B 112 -19.59 -15.45 -8.40
C ALA B 112 -19.90 -16.16 -9.78
N LYS B 113 -20.94 -15.73 -10.51
CA LYS B 113 -21.22 -16.38 -11.81
C LYS B 113 -20.12 -16.28 -12.88
N THR B 114 -19.19 -15.32 -12.71
CA THR B 114 -18.10 -15.11 -13.67
C THR B 114 -17.07 -16.21 -13.58
N ILE B 115 -16.89 -16.74 -12.37
CA ILE B 115 -15.76 -17.61 -12.05
C ILE B 115 -15.58 -18.87 -12.91
N PRO B 116 -16.67 -19.66 -13.12
CA PRO B 116 -16.45 -20.90 -13.89
C PRO B 116 -15.97 -20.60 -15.32
N GLY B 117 -16.60 -19.62 -15.99
CA GLY B 117 -16.21 -19.27 -17.34
C GLY B 117 -14.83 -18.67 -17.42
N LEU B 118 -14.49 -17.81 -16.44
CA LEU B 118 -13.20 -17.15 -16.51
C LEU B 118 -12.09 -18.20 -16.29
N ILE B 119 -12.28 -19.12 -15.35
CA ILE B 119 -11.26 -20.16 -15.16
C ILE B 119 -11.16 -21.05 -16.41
N ALA B 120 -12.33 -21.40 -16.99
CA ALA B 120 -12.32 -22.24 -18.17
C ALA B 120 -11.55 -21.49 -19.31
N ASN B 121 -11.75 -20.16 -19.43
CA ASN B 121 -11.02 -19.39 -20.45
C ASN B 121 -9.52 -19.36 -20.11
N MET B 122 -9.16 -19.24 -18.83
CA MET B 122 -7.71 -19.28 -18.47
C MET B 122 -7.11 -20.57 -18.93
N GLN B 123 -7.81 -21.65 -18.60
CA GLN B 123 -7.28 -22.98 -18.89
C GLN B 123 -7.10 -23.25 -20.39
N ARG B 124 -8.06 -22.83 -21.20
CA ARG B 124 -7.98 -23.13 -22.62
C ARG B 124 -6.94 -22.26 -23.31
N CYS B 125 -6.70 -21.08 -22.72
CA CYS B 125 -5.65 -20.18 -23.14
C CYS B 125 -4.23 -20.39 -22.57
N THR B 126 -4.02 -21.49 -21.87
CA THR B 126 -2.71 -21.87 -21.38
C THR B 126 -2.09 -22.90 -22.31
N LYS B 127 -0.85 -22.63 -22.70
CA LYS B 127 -0.08 -23.53 -23.57
C LYS B 127 0.12 -24.87 -22.83
N PRO B 128 0.21 -25.99 -23.58
CA PRO B 128 0.59 -27.21 -22.86
C PRO B 128 1.94 -26.97 -22.12
N GLY B 129 2.05 -27.43 -20.88
CA GLY B 129 3.27 -27.17 -20.09
C GLY B 129 3.30 -25.81 -19.41
N GLY B 130 2.32 -24.96 -19.72
CA GLY B 130 2.16 -23.63 -19.09
C GLY B 130 1.61 -23.71 -17.68
N TYR B 131 1.63 -22.56 -17.02
CA TYR B 131 1.15 -22.53 -15.60
C TYR B 131 -0.02 -21.54 -15.33
N ASN B 132 -0.87 -21.80 -14.36
CA ASN B 132 -1.67 -20.73 -13.83
C ASN B 132 -1.35 -20.61 -12.35
N LEU B 133 -1.36 -19.36 -11.87
CA LEU B 133 -1.27 -19.03 -10.45
C LEU B 133 -2.50 -18.25 -10.02
N ILE B 134 -3.21 -18.74 -8.98
CA ILE B 134 -4.38 -18.06 -8.46
C ILE B 134 -4.22 -17.98 -6.94
N VAL B 135 -4.49 -16.81 -6.40
CA VAL B 135 -4.56 -16.61 -4.94
C VAL B 135 -5.85 -15.87 -4.75
N ALA B 136 -6.77 -16.43 -3.96
CA ALA B 136 -8.04 -15.77 -3.71
C ALA B 136 -8.70 -16.19 -2.41
N ALA B 137 -9.47 -15.25 -1.85
CA ALA B 137 -10.21 -15.49 -0.61
C ALA B 137 -11.15 -16.72 -0.60
N MET B 138 -11.23 -17.36 0.56
CA MET B 138 -12.20 -18.45 0.82
C MET B 138 -13.21 -18.11 1.90
N ASP B 139 -14.31 -18.88 1.92
CA ASP B 139 -15.31 -18.77 2.92
C ASP B 139 -15.48 -20.19 3.47
N THR B 140 -15.21 -20.37 4.77
CA THR B 140 -15.41 -21.69 5.36
C THR B 140 -16.07 -21.55 6.73
N ALA B 141 -16.49 -22.67 7.32
CA ALA B 141 -17.13 -22.58 8.61
C ALA B 141 -16.15 -22.11 9.68
N ASP B 142 -14.90 -22.56 9.66
CA ASP B 142 -13.90 -22.08 10.64
CA ASP B 142 -13.92 -22.08 10.65
C ASP B 142 -13.50 -20.62 10.46
N TYR B 143 -13.52 -20.16 9.22
CA TYR B 143 -13.09 -18.78 8.90
C TYR B 143 -14.09 -18.17 7.90
N PRO B 144 -15.29 -17.78 8.41
CA PRO B 144 -16.28 -17.15 7.57
C PRO B 144 -15.79 -15.87 6.93
N CYS B 145 -16.12 -15.70 5.67
CA CYS B 145 -15.85 -14.47 4.95
C CYS B 145 -17.10 -13.58 5.14
N THR B 146 -16.97 -12.53 5.96
CA THR B 146 -18.07 -11.65 6.29
C THR B 146 -17.81 -10.24 5.72
N VAL B 147 -16.79 -10.04 4.89
CA VAL B 147 -16.44 -8.68 4.55
C VAL B 147 -17.01 -8.20 3.21
N GLY B 148 -17.87 -9.01 2.63
CA GLY B 148 -18.63 -8.47 1.53
C GLY B 148 -18.05 -8.69 0.17
N PHE B 149 -17.03 -9.55 0.05
CA PHE B 149 -16.56 -9.96 -1.28
C PHE B 149 -17.72 -10.59 -2.06
N PRO B 150 -17.92 -10.17 -3.32
CA PRO B 150 -18.91 -10.84 -4.18
C PRO B 150 -18.64 -12.32 -4.37
N PHE B 151 -17.38 -12.75 -4.28
CA PHE B 151 -17.04 -14.15 -4.56
C PHE B 151 -16.01 -14.67 -3.55
N ALA B 152 -16.19 -15.88 -3.05
CA ALA B 152 -15.09 -16.55 -2.29
C ALA B 152 -15.13 -18.06 -2.59
N PHE B 153 -13.96 -18.66 -2.74
CA PHE B 153 -13.85 -20.13 -2.90
C PHE B 153 -14.31 -20.88 -1.68
N LYS B 154 -14.90 -22.07 -1.93
CA LYS B 154 -15.26 -23.02 -0.84
C LYS B 154 -14.04 -23.97 -0.66
N GLU B 155 -14.03 -24.72 0.45
CA GLU B 155 -12.94 -25.68 0.71
C GLU B 155 -12.83 -26.67 -0.46
N GLY B 156 -11.65 -26.81 -1.07
CA GLY B 156 -11.44 -27.76 -2.13
C GLY B 156 -11.89 -27.32 -3.54
N GLU B 157 -12.54 -26.15 -3.61
CA GLU B 157 -13.17 -25.73 -4.87
C GLU B 157 -12.12 -25.36 -5.95
N LEU B 158 -11.04 -24.62 -5.59
CA LEU B 158 -10.09 -24.22 -6.53
C LEU B 158 -9.31 -25.45 -7.04
N ARG B 159 -8.99 -26.35 -6.10
CA ARG B 159 -8.37 -27.59 -6.48
C ARG B 159 -9.23 -28.35 -7.50
N ARG B 160 -10.54 -28.43 -7.24
CA ARG B 160 -11.40 -29.19 -8.17
C ARG B 160 -11.41 -28.56 -9.58
N TYR B 161 -11.51 -27.22 -9.65
CA TYR B 161 -11.35 -26.56 -10.97
C TYR B 161 -10.17 -27.02 -11.78
N TYR B 162 -9.06 -27.37 -11.11
CA TYR B 162 -7.85 -27.70 -11.81
C TYR B 162 -7.61 -29.23 -11.85
N GLU B 163 -8.66 -30.05 -11.67
CA GLU B 163 -8.46 -31.51 -11.95
C GLU B 163 -7.84 -31.73 -13.33
N GLY B 164 -6.88 -32.67 -13.46
CA GLY B 164 -6.24 -32.89 -14.75
C GLY B 164 -4.94 -32.10 -14.89
N TRP B 165 -4.72 -31.11 -14.02
CA TRP B 165 -3.46 -30.36 -14.02
C TRP B 165 -2.56 -30.84 -12.88
N GLU B 166 -1.27 -30.60 -13.00
CA GLU B 166 -0.36 -30.91 -11.89
C GLU B 166 -0.43 -29.77 -10.88
N ARG B 167 -0.75 -30.09 -9.63
CA ARG B 167 -0.82 -29.05 -8.58
C ARG B 167 0.57 -28.92 -7.99
N VAL B 168 1.37 -28.08 -8.61
CA VAL B 168 2.77 -27.87 -8.18
C VAL B 168 2.76 -27.30 -6.74
N LYS B 169 1.84 -26.36 -6.49
CA LYS B 169 1.61 -25.86 -5.15
C LYS B 169 0.11 -25.73 -4.92
N TYR B 170 -0.39 -26.22 -3.78
CA TYR B 170 -1.77 -25.93 -3.46
C TYR B 170 -1.97 -25.91 -1.97
N ASN B 171 -2.42 -24.79 -1.44
CA ASN B 171 -2.85 -24.75 -0.06
C ASN B 171 -4.06 -23.86 0.21
N GLU B 172 -4.68 -24.06 1.34
CA GLU B 172 -5.79 -23.24 1.81
C GLU B 172 -5.43 -22.59 3.18
N ASP B 173 -4.15 -22.11 3.28
CA ASP B 173 -3.65 -21.60 4.55
C ASP B 173 -4.42 -20.42 5.08
N VAL B 174 -4.50 -20.36 6.41
CA VAL B 174 -5.07 -19.23 7.10
C VAL B 174 -4.15 -18.07 6.85
N GLY B 175 -4.73 -17.01 6.27
CA GLY B 175 -4.06 -15.74 6.18
C GLY B 175 -4.73 -14.68 7.03
N GLU B 176 -4.57 -13.43 6.62
CA GLU B 176 -5.23 -12.31 7.29
C GLU B 176 -5.86 -11.38 6.32
N LEU B 177 -7.02 -10.84 6.65
CA LEU B 177 -7.60 -9.79 5.87
C LEU B 177 -6.98 -8.47 6.32
N HIS B 178 -7.03 -7.47 5.44
CA HIS B 178 -6.54 -6.15 5.82
C HIS B 178 -7.68 -5.34 6.48
N ARG B 179 -8.06 -5.75 7.68
CA ARG B 179 -9.15 -5.12 8.42
CA ARG B 179 -9.20 -5.18 8.39
C ARG B 179 -9.17 -5.75 9.80
N THR B 180 -9.55 -4.97 10.78
CA THR B 180 -9.52 -5.47 12.15
C THR B 180 -10.92 -5.78 12.67
N ASP B 181 -10.98 -6.63 13.70
CA ASP B 181 -12.25 -6.92 14.36
C ASP B 181 -12.45 -5.96 15.54
N ALA B 182 -13.60 -6.08 16.23
CA ALA B 182 -13.93 -5.23 17.38
C ALA B 182 -12.87 -5.27 18.50
N ASN B 183 -11.89 -6.19 18.42
CA ASN B 183 -10.74 -6.22 19.35
C ASN B 183 -9.46 -5.53 18.82
N GLY B 184 -9.51 -5.03 17.58
CA GLY B 184 -8.30 -4.44 16.94
C GLY B 184 -7.29 -5.44 16.40
N ASN B 185 -7.69 -6.70 16.30
CA ASN B 185 -6.87 -7.68 15.65
C ASN B 185 -7.35 -7.90 14.22
N ARG B 186 -6.40 -8.20 13.36
CA ARG B 186 -6.72 -8.51 11.96
C ARG B 186 -7.56 -9.76 11.85
N ILE B 187 -8.55 -9.68 10.98
CA ILE B 187 -9.44 -10.80 10.71
C ILE B 187 -8.71 -11.89 9.98
N LYS B 188 -8.86 -13.11 10.50
CA LYS B 188 -8.28 -14.29 9.91
C LYS B 188 -9.19 -14.84 8.83
N LEU B 189 -8.59 -15.22 7.70
CA LEU B 189 -9.38 -15.82 6.59
C LEU B 189 -8.46 -16.78 5.85
N ARG B 190 -8.98 -17.94 5.46
CA ARG B 190 -8.27 -18.82 4.55
C ARG B 190 -8.19 -18.21 3.11
N PHE B 191 -7.05 -18.38 2.42
CA PHE B 191 -6.94 -18.10 1.00
C PHE B 191 -6.55 -19.37 0.27
N ALA B 192 -7.12 -19.60 -0.91
CA ALA B 192 -6.74 -20.70 -1.73
C ALA B 192 -5.59 -20.15 -2.57
N THR B 193 -4.45 -20.86 -2.58
CA THR B 193 -3.27 -20.48 -3.37
C THR B 193 -2.92 -21.72 -4.23
N MET B 194 -2.78 -21.55 -5.55
CA MET B 194 -2.51 -22.67 -6.42
C MET B 194 -1.58 -22.24 -7.50
N LEU B 195 -0.54 -23.03 -7.70
CA LEU B 195 0.26 -22.91 -8.90
C LEU B 195 0.11 -24.28 -9.60
N ALA B 196 -0.48 -24.25 -10.77
CA ALA B 196 -0.88 -25.49 -11.48
C ALA B 196 -0.24 -25.51 -12.85
N ARG B 197 0.22 -26.70 -13.28
CA ARG B 197 0.83 -26.83 -14.59
C ARG B 197 0.02 -27.72 -15.53
N LYS B 198 -0.20 -27.22 -16.74
CA LYS B 198 -1.02 -27.95 -17.71
C LYS B 198 -0.20 -29.05 -18.37
N LYS B 199 -0.82 -30.20 -18.68
CA LYS B 199 -0.09 -31.30 -19.36
C LYS B 199 0.29 -31.01 -20.82
#